data_6UK5
#
_entry.id   6UK5
#
_cell.length_a   133.290
_cell.length_b   133.290
_cell.length_c   81.760
_cell.angle_alpha   90.000
_cell.angle_beta   90.000
_cell.angle_gamma   120.000
#
_symmetry.space_group_name_H-M   'P 64'
#
loop_
_entity.id
_entity.type
_entity.pdbx_description
1 polymer CalS10
2 non-polymer DI(HYDROXYETHYL)ETHER
3 non-polymer S-ADENOSYLMETHIONINE
4 non-polymer 'ACETATE ION'
5 non-polymer 'PENTAETHYLENE GLYCOL'
6 water water
#
_entity_poly.entity_id   1
_entity_poly.type   'polypeptide(L)'
_entity_poly.pdbx_seq_one_letter_code
;GSSHHHHHHENLYFQSMFGPEHAEVYEAAYRGRGKSWHDEAADVADRIRAARPDAARLLDVGCGTGAHLETFATRFPHVE
GLELAPAMLALARHRLPGVRLHAGDMRTFDLGVTFDAVTCLFTAVNFLGTVAEMRAAVAAMSAHLAPGGVLVLEPWWFPE
RFIDGYVGGDLVREEGRTVARVSRSTRQGRVTRMEERWLVGDAAGIREFSQVGLLTMFTREEYDAAFAAAGCESAYVEGW
LTGRGLFVATRTGGHATPTMV
;
_entity_poly.pdbx_strand_id   A,B
#
# COMPACT_ATOMS: atom_id res chain seq x y z
N TYR A 13 12.54 14.37 6.71
CA TYR A 13 11.78 13.21 7.14
C TYR A 13 10.34 13.58 7.49
N PHE A 14 10.12 14.04 8.71
CA PHE A 14 8.77 14.28 9.21
C PHE A 14 8.31 15.69 8.92
N GLN A 15 7.05 15.80 8.51
CA GLN A 15 6.35 17.07 8.33
C GLN A 15 5.17 17.11 9.29
N SER A 16 4.53 18.27 9.37
CA SER A 16 3.30 18.40 10.12
C SER A 16 2.12 17.93 9.28
N MET A 17 1.08 17.46 9.95
CA MET A 17 -0.06 16.91 9.24
C MET A 17 -0.87 18.02 8.58
N PHE A 18 -1.71 17.61 7.63
CA PHE A 18 -2.66 18.50 6.97
C PHE A 18 -1.96 19.46 6.02
N GLY A 19 -0.82 19.05 5.50
CA GLY A 19 -0.16 19.74 4.42
C GLY A 19 -0.84 19.46 3.09
N PRO A 20 -0.22 19.87 2.00
CA PRO A 20 -0.85 19.69 0.68
C PRO A 20 -0.92 18.23 0.25
N GLU A 21 0.18 17.50 0.43
CA GLU A 21 0.17 16.07 0.12
C GLU A 21 -0.91 15.35 0.92
N HIS A 22 -0.96 15.59 2.23
CA HIS A 22 -1.95 14.93 3.08
C HIS A 22 -3.36 15.24 2.63
N ALA A 23 -3.64 16.50 2.29
CA ALA A 23 -4.97 16.89 1.88
C ALA A 23 -5.43 16.11 0.65
N GLU A 24 -4.50 15.81 -0.25
CA GLU A 24 -4.85 15.15 -1.50
C GLU A 24 -5.35 13.73 -1.27
N VAL A 25 -4.79 13.03 -0.28
CA VAL A 25 -5.08 11.63 -0.01
C VAL A 25 -5.91 11.43 1.24
N TYR A 26 -6.21 12.50 1.98
CA TYR A 26 -6.80 12.35 3.30
C TYR A 26 -8.17 11.68 3.26
N GLU A 27 -9.00 12.01 2.26
CA GLU A 27 -10.33 11.43 2.21
C GLU A 27 -10.32 10.00 1.70
N ALA A 28 -9.49 9.74 0.68
CA ALA A 28 -9.39 8.40 0.11
C ALA A 28 -9.22 7.33 1.19
N ALA A 29 -8.39 7.61 2.19
CA ALA A 29 -8.09 6.59 3.19
C ALA A 29 -9.32 6.25 4.04
N TYR A 30 -9.94 7.27 4.62
CA TYR A 30 -11.03 7.02 5.55
C TYR A 30 -12.29 6.51 4.85
N ARG A 31 -12.48 6.92 3.59
CA ARG A 31 -13.59 6.35 2.82
C ARG A 31 -13.35 4.88 2.52
N GLY A 32 -12.11 4.49 2.21
CA GLY A 32 -11.82 3.09 1.95
C GLY A 32 -12.07 2.19 3.14
N ARG A 33 -11.89 2.71 4.35
CA ARG A 33 -12.19 1.93 5.55
C ARG A 33 -13.66 1.99 5.93
N GLY A 34 -14.45 2.83 5.29
CA GLY A 34 -15.90 2.78 5.45
C GLY A 34 -16.53 4.03 6.02
N LYS A 35 -15.79 5.14 6.06
CA LYS A 35 -16.36 6.37 6.61
C LYS A 35 -17.19 7.05 5.54
N SER A 36 -18.36 7.54 5.95
CA SER A 36 -19.27 8.27 5.07
C SER A 36 -19.51 9.63 5.71
N TRP A 37 -18.78 10.64 5.23
CA TRP A 37 -19.04 12.01 5.68
C TRP A 37 -20.49 12.40 5.40
N HIS A 38 -21.07 11.85 4.33
CA HIS A 38 -22.43 12.21 3.95
C HIS A 38 -23.44 11.75 4.99
N ASP A 39 -23.36 10.48 5.39
CA ASP A 39 -24.29 9.97 6.40
C ASP A 39 -24.11 10.69 7.72
N GLU A 40 -22.87 11.01 8.08
CA GLU A 40 -22.62 11.75 9.32
C GLU A 40 -23.24 13.14 9.26
N ALA A 41 -22.93 13.89 8.19
CA ALA A 41 -23.50 15.23 8.06
C ALA A 41 -25.02 15.18 8.05
N ALA A 42 -25.60 14.20 7.35
CA ALA A 42 -27.05 14.07 7.30
C ALA A 42 -27.63 13.83 8.68
N ASP A 43 -27.06 12.90 9.44
CA ASP A 43 -27.52 12.65 10.79
C ASP A 43 -27.38 13.90 11.66
N VAL A 44 -26.22 14.56 11.57
CA VAL A 44 -26.02 15.79 12.32
C VAL A 44 -27.07 16.82 11.95
N ALA A 45 -27.38 16.94 10.66
CA ALA A 45 -28.37 17.90 10.21
C ALA A 45 -29.75 17.60 10.79
N ASP A 46 -30.13 16.31 10.81
CA ASP A 46 -31.43 15.94 11.39
C ASP A 46 -31.53 16.37 12.84
N ARG A 47 -30.46 16.20 13.61
CA ARG A 47 -30.51 16.52 15.03
C ARG A 47 -30.54 18.02 15.26
N ILE A 48 -29.80 18.78 14.46
CA ILE A 48 -29.89 20.24 14.53
C ILE A 48 -31.33 20.68 14.33
N ARG A 49 -32.03 20.06 13.38
CA ARG A 49 -33.42 20.39 13.15
C ARG A 49 -34.29 20.01 14.33
N ALA A 50 -33.95 18.90 15.00
CA ALA A 50 -34.67 18.53 16.22
C ALA A 50 -34.60 19.64 17.26
N ALA A 51 -33.39 20.11 17.57
CA ALA A 51 -33.21 21.14 18.59
C ALA A 51 -33.54 22.54 18.10
N ARG A 52 -33.45 22.79 16.80
CA ARG A 52 -33.65 24.13 16.23
C ARG A 52 -34.33 23.96 14.88
N PRO A 53 -35.66 23.75 14.89
CA PRO A 53 -36.37 23.48 13.62
C PRO A 53 -36.12 24.51 12.54
N ASP A 54 -35.83 25.75 12.89
CA ASP A 54 -35.68 26.83 11.93
C ASP A 54 -34.23 27.09 11.53
N ALA A 55 -33.30 26.22 11.95
CA ALA A 55 -31.89 26.42 11.68
C ALA A 55 -31.64 26.74 10.21
N ALA A 56 -30.86 27.78 9.94
CA ALA A 56 -30.55 28.17 8.57
C ALA A 56 -29.07 28.45 8.35
N ARG A 57 -28.38 28.97 9.36
CA ARG A 57 -26.96 29.33 9.26
C ARG A 57 -26.12 28.34 10.07
N LEU A 58 -25.15 27.71 9.41
CA LEU A 58 -24.29 26.73 10.05
C LEU A 58 -22.83 27.02 9.75
N LEU A 59 -21.97 26.76 10.74
CA LEU A 59 -20.53 26.90 10.63
C LEU A 59 -19.87 25.60 11.06
N ASP A 60 -19.06 25.03 10.18
CA ASP A 60 -18.25 23.85 10.50
C ASP A 60 -16.86 24.32 10.87
N VAL A 61 -16.42 23.98 12.07
CA VAL A 61 -15.15 24.46 12.62
C VAL A 61 -14.14 23.33 12.51
N GLY A 62 -12.96 23.65 11.98
CA GLY A 62 -11.99 22.63 11.62
C GLY A 62 -12.55 21.76 10.51
N CYS A 63 -13.12 22.40 9.49
CA CYS A 63 -13.82 21.68 8.44
C CYS A 63 -12.87 20.84 7.58
N GLY A 64 -11.58 21.17 7.56
CA GLY A 64 -10.65 20.41 6.76
C GLY A 64 -10.98 20.54 5.29
N THR A 65 -11.16 19.40 4.62
CA THR A 65 -11.51 19.39 3.20
C THR A 65 -12.94 19.81 2.93
N GLY A 66 -13.73 20.10 3.96
CA GLY A 66 -15.11 20.49 3.74
C GLY A 66 -16.03 19.35 3.37
N ALA A 67 -15.60 18.10 3.60
CA ALA A 67 -16.42 16.95 3.20
C ALA A 67 -17.78 16.99 3.90
N HIS A 68 -17.79 17.23 5.21
CA HIS A 68 -19.06 17.41 5.91
C HIS A 68 -19.84 18.57 5.31
N LEU A 69 -19.17 19.71 5.12
CA LEU A 69 -19.86 20.90 4.62
C LEU A 69 -20.55 20.65 3.29
N GLU A 70 -19.97 19.79 2.46
CA GLU A 70 -20.60 19.50 1.17
C GLU A 70 -22.04 19.04 1.34
N THR A 71 -22.30 18.17 2.31
CA THR A 71 -23.65 17.69 2.53
C THR A 71 -24.47 18.66 3.37
N PHE A 72 -23.83 19.41 4.27
CA PHE A 72 -24.56 20.42 5.04
C PHE A 72 -25.17 21.47 4.11
N ALA A 73 -24.47 21.82 3.03
CA ALA A 73 -24.96 22.86 2.13
C ALA A 73 -26.28 22.45 1.47
N THR A 74 -26.44 21.15 1.19
CA THR A 74 -27.70 20.65 0.64
C THR A 74 -28.84 20.69 1.64
N ARG A 75 -28.53 20.96 2.91
CA ARG A 75 -29.51 20.87 3.99
C ARG A 75 -29.77 22.20 4.69
N PHE A 76 -28.85 23.15 4.61
CA PHE A 76 -29.01 24.47 5.24
C PHE A 76 -28.79 25.56 4.20
N PRO A 77 -29.63 26.61 4.20
CA PRO A 77 -29.47 27.69 3.21
C PRO A 77 -28.07 28.28 3.18
N HIS A 78 -27.58 28.76 4.32
CA HIS A 78 -26.27 29.39 4.42
C HIS A 78 -25.35 28.52 5.25
N VAL A 79 -24.14 28.29 4.74
CA VAL A 79 -23.16 27.43 5.37
C VAL A 79 -21.80 28.08 5.23
N GLU A 80 -20.96 27.94 6.26
CA GLU A 80 -19.62 28.51 6.24
C GLU A 80 -18.64 27.52 6.87
N GLY A 81 -17.35 27.83 6.71
CA GLY A 81 -16.31 26.98 7.23
C GLY A 81 -15.21 27.78 7.88
N LEU A 82 -14.50 27.11 8.79
CA LEU A 82 -13.37 27.69 9.51
C LEU A 82 -12.30 26.62 9.63
N GLU A 83 -11.09 26.94 9.20
CA GLU A 83 -10.03 25.95 9.04
C GLU A 83 -8.68 26.62 9.16
N LEU A 84 -7.75 25.97 9.85
CA LEU A 84 -6.43 26.55 10.08
C LEU A 84 -5.43 26.11 9.02
N ALA A 85 -5.44 24.85 8.63
CA ALA A 85 -4.49 24.36 7.64
C ALA A 85 -4.90 24.84 6.26
N PRO A 86 -4.10 25.67 5.58
CA PRO A 86 -4.55 26.21 4.28
C PRO A 86 -4.56 25.17 3.18
N ALA A 87 -3.77 24.10 3.30
CA ALA A 87 -3.83 23.04 2.30
C ALA A 87 -5.20 22.36 2.32
N MET A 88 -5.77 22.15 3.51
CA MET A 88 -7.09 21.55 3.57
C MET A 88 -8.15 22.55 3.17
N LEU A 89 -8.00 23.81 3.59
CA LEU A 89 -8.92 24.87 3.19
C LEU A 89 -8.85 25.16 1.69
N ALA A 90 -7.71 24.85 1.04
CA ALA A 90 -7.64 25.01 -0.41
C ALA A 90 -8.60 24.05 -1.10
N LEU A 91 -8.42 22.75 -0.88
CA LEU A 91 -9.35 21.78 -1.46
C LEU A 91 -10.77 22.06 -1.00
N ALA A 92 -10.94 22.57 0.22
CA ALA A 92 -12.28 22.92 0.69
C ALA A 92 -12.95 23.91 -0.25
N ARG A 93 -12.26 24.99 -0.58
CA ARG A 93 -12.80 25.95 -1.55
C ARG A 93 -13.03 25.27 -2.90
N HIS A 94 -12.07 24.48 -3.35
CA HIS A 94 -12.21 23.77 -4.61
C HIS A 94 -13.53 23.00 -4.66
N ARG A 95 -13.80 22.19 -3.63
CA ARG A 95 -15.02 21.40 -3.59
C ARG A 95 -16.26 22.25 -3.36
N LEU A 96 -16.11 23.44 -2.76
CA LEU A 96 -17.24 24.30 -2.40
C LEU A 96 -17.04 25.68 -3.01
N PRO A 97 -17.31 25.84 -4.31
CA PRO A 97 -17.07 27.14 -4.95
C PRO A 97 -17.68 28.34 -4.23
N GLY A 98 -19.00 28.35 -4.07
CA GLY A 98 -19.70 29.53 -3.59
C GLY A 98 -19.93 29.62 -2.09
N VAL A 99 -19.01 29.08 -1.29
CA VAL A 99 -19.20 28.95 0.15
C VAL A 99 -18.13 29.80 0.82
N ARG A 100 -18.55 30.73 1.67
CA ARG A 100 -17.60 31.55 2.41
C ARG A 100 -16.83 30.67 3.38
N LEU A 101 -15.53 30.54 3.15
CA LEU A 101 -14.63 29.78 3.99
C LEU A 101 -13.61 30.73 4.58
N HIS A 102 -13.27 30.50 5.85
CA HIS A 102 -12.38 31.39 6.59
C HIS A 102 -11.16 30.63 7.07
N ALA A 103 -9.99 31.25 6.92
CA ALA A 103 -8.79 30.75 7.57
C ALA A 103 -8.80 31.29 9.00
N GLY A 104 -8.62 30.39 9.96
CA GLY A 104 -8.72 30.82 11.34
C GLY A 104 -8.28 29.74 12.30
N ASP A 105 -8.13 30.15 13.55
CA ASP A 105 -7.82 29.25 14.65
C ASP A 105 -9.06 29.03 15.50
N MET A 106 -9.35 27.77 15.76
CA MET A 106 -10.48 27.41 16.60
C MET A 106 -10.45 28.12 17.94
N ARG A 107 -9.26 28.36 18.49
CA ARG A 107 -9.13 28.95 19.81
C ARG A 107 -9.38 30.47 19.85
N THR A 108 -9.40 31.14 18.71
CA THR A 108 -9.39 32.61 18.68
C THR A 108 -10.26 33.27 17.63
N PHE A 109 -10.86 32.54 16.70
CA PHE A 109 -11.45 33.19 15.54
C PHE A 109 -12.59 34.12 15.96
N ASP A 110 -12.87 35.09 15.08
CA ASP A 110 -13.99 36.00 15.27
C ASP A 110 -14.49 36.38 13.88
N LEU A 111 -15.76 36.08 13.59
CA LEU A 111 -16.35 36.38 12.31
C LEU A 111 -17.45 37.43 12.42
N GLY A 112 -17.65 37.99 13.61
CA GLY A 112 -18.60 39.06 13.80
C GLY A 112 -20.05 38.68 13.63
N VAL A 113 -20.35 37.41 13.39
CA VAL A 113 -21.69 36.97 13.08
C VAL A 113 -22.04 35.75 13.92
N THR A 114 -23.33 35.57 14.18
CA THR A 114 -23.83 34.38 14.86
C THR A 114 -24.34 33.37 13.83
N PHE A 115 -24.46 32.12 14.27
CA PHE A 115 -25.00 31.04 13.47
C PHE A 115 -26.05 30.29 14.28
N ASP A 116 -26.93 29.59 13.58
CA ASP A 116 -27.89 28.72 14.25
C ASP A 116 -27.24 27.43 14.75
N ALA A 117 -26.10 27.04 14.20
CA ALA A 117 -25.44 25.81 14.61
C ALA A 117 -23.96 25.90 14.26
N VAL A 118 -23.13 25.34 15.13
CA VAL A 118 -21.69 25.26 14.92
C VAL A 118 -21.26 23.83 15.19
N THR A 119 -20.60 23.22 14.22
CA THR A 119 -20.18 21.83 14.34
C THR A 119 -18.65 21.73 14.38
N CYS A 120 -18.17 20.68 15.05
CA CYS A 120 -16.74 20.41 15.23
C CYS A 120 -16.61 18.89 15.29
N LEU A 121 -16.35 18.28 14.14
CA LEU A 121 -16.55 16.84 13.97
C LEU A 121 -15.24 16.14 13.64
N PHE A 122 -15.28 14.81 13.79
CA PHE A 122 -14.14 13.93 13.53
C PHE A 122 -12.95 14.31 14.42
N THR A 123 -13.22 14.53 15.71
CA THR A 123 -12.19 14.71 16.74
C THR A 123 -11.30 15.91 16.44
N ALA A 124 -11.86 16.94 15.81
CA ALA A 124 -11.05 18.11 15.45
C ALA A 124 -10.55 18.83 16.69
N VAL A 125 -11.39 18.94 17.72
CA VAL A 125 -11.01 19.68 18.92
C VAL A 125 -9.86 18.99 19.64
N ASN A 126 -9.69 17.69 19.46
CA ASN A 126 -8.67 16.95 20.19
C ASN A 126 -7.29 17.07 19.56
N PHE A 127 -7.13 17.92 18.54
CA PHE A 127 -5.81 18.30 18.06
C PHE A 127 -5.23 19.46 18.86
N LEU A 128 -5.99 19.99 19.82
CA LEU A 128 -5.46 20.91 20.80
C LEU A 128 -4.77 20.13 21.90
N GLY A 129 -3.81 20.77 22.56
CA GLY A 129 -2.91 20.06 23.45
C GLY A 129 -3.28 20.09 24.90
N THR A 130 -4.04 21.10 25.32
CA THR A 130 -4.31 21.34 26.73
C THR A 130 -5.80 21.59 26.93
N VAL A 131 -6.26 21.34 28.17
CA VAL A 131 -7.64 21.60 28.52
C VAL A 131 -7.98 23.07 28.38
N ALA A 132 -7.03 23.96 28.67
CA ALA A 132 -7.30 25.38 28.53
C ALA A 132 -7.58 25.77 27.08
N GLU A 133 -6.94 25.08 26.13
CA GLU A 133 -7.15 25.41 24.72
C GLU A 133 -8.53 24.95 24.27
N MET A 134 -8.94 23.75 24.66
CA MET A 134 -10.26 23.26 24.31
C MET A 134 -11.35 24.18 24.89
N ARG A 135 -11.15 24.67 26.11
CA ARG A 135 -12.14 25.56 26.70
C ARG A 135 -12.21 26.89 25.96
N ALA A 136 -11.09 27.38 25.44
CA ALA A 136 -11.13 28.57 24.60
C ALA A 136 -11.83 28.30 23.29
N ALA A 137 -11.55 27.13 22.68
CA ALA A 137 -12.25 26.74 21.46
C ALA A 137 -13.76 26.63 21.70
N VAL A 138 -14.15 25.84 22.71
CA VAL A 138 -15.57 25.66 23.00
C VAL A 138 -16.22 27.00 23.32
N ALA A 139 -15.48 27.92 23.95
CA ALA A 139 -16.06 29.22 24.27
C ALA A 139 -16.16 30.09 23.02
N ALA A 140 -15.18 30.01 22.13
CA ALA A 140 -15.23 30.76 20.88
C ALA A 140 -16.42 30.31 20.03
N MET A 141 -16.52 28.99 19.80
CA MET A 141 -17.65 28.47 19.02
C MET A 141 -18.98 28.93 19.59
N SER A 142 -19.13 28.86 20.92
CA SER A 142 -20.38 29.27 21.55
C SER A 142 -20.66 30.74 21.33
N ALA A 143 -19.62 31.58 21.27
CA ALA A 143 -19.82 33.00 21.03
C ALA A 143 -20.47 33.24 19.67
N HIS A 144 -20.22 32.36 18.71
CA HIS A 144 -20.77 32.45 17.38
C HIS A 144 -22.16 31.83 17.27
N LEU A 145 -22.76 31.43 18.39
CA LEU A 145 -24.10 30.87 18.40
C LEU A 145 -25.12 31.92 18.81
N ALA A 146 -26.24 31.95 18.09
CA ALA A 146 -27.38 32.73 18.53
C ALA A 146 -28.04 32.02 19.71
N PRO A 147 -28.90 32.72 20.47
CA PRO A 147 -29.58 32.06 21.59
C PRO A 147 -30.38 30.87 21.09
N GLY A 148 -30.29 29.78 21.84
CA GLY A 148 -30.84 28.51 21.40
C GLY A 148 -30.01 27.81 20.35
N GLY A 149 -28.92 28.42 19.89
CA GLY A 149 -28.08 27.79 18.89
C GLY A 149 -27.55 26.45 19.36
N VAL A 150 -27.21 25.62 18.38
CA VAL A 150 -26.80 24.24 18.63
C VAL A 150 -25.31 24.10 18.38
N LEU A 151 -24.59 23.59 19.36
CA LEU A 151 -23.20 23.18 19.22
C LEU A 151 -23.14 21.66 19.26
N VAL A 152 -22.48 21.06 18.28
CA VAL A 152 -22.35 19.61 18.20
C VAL A 152 -20.87 19.29 18.03
N LEU A 153 -20.38 18.34 18.82
CA LEU A 153 -18.96 18.08 18.94
C LEU A 153 -18.72 16.59 19.05
N GLU A 154 -17.94 16.04 18.12
CA GLU A 154 -17.55 14.64 18.18
C GLU A 154 -16.23 14.52 18.93
N PRO A 155 -16.23 13.99 20.15
CA PRO A 155 -14.99 13.91 20.92
C PRO A 155 -14.19 12.65 20.61
N TRP A 156 -12.90 12.73 20.90
CA TRP A 156 -12.04 11.55 20.87
C TRP A 156 -12.17 10.75 22.17
N TRP A 157 -12.30 9.44 22.03
CA TRP A 157 -12.26 8.50 23.13
C TRP A 157 -11.29 7.41 22.70
N PHE A 158 -10.78 6.65 23.65
CA PHE A 158 -9.92 5.54 23.24
C PHE A 158 -10.77 4.35 22.81
N PRO A 159 -10.54 3.81 21.61
CA PRO A 159 -11.18 2.53 21.25
C PRO A 159 -11.00 1.53 22.37
N GLU A 160 -11.94 0.59 22.47
CA GLU A 160 -11.86 -0.39 23.55
C GLU A 160 -10.57 -1.20 23.47
N ARG A 161 -10.10 -1.48 22.26
CA ARG A 161 -8.92 -2.32 22.08
C ARG A 161 -7.61 -1.53 22.11
N PHE A 162 -7.65 -0.23 21.84
CA PHE A 162 -6.41 0.54 21.74
C PHE A 162 -5.97 0.83 23.18
N ILE A 163 -5.26 -0.13 23.74
CA ILE A 163 -4.67 -0.01 25.08
C ILE A 163 -3.30 0.64 25.04
N ASP A 164 -2.38 0.09 24.23
CA ASP A 164 -1.03 0.65 24.11
C ASP A 164 -0.77 1.14 22.70
N GLY A 165 -0.57 0.23 21.75
CA GLY A 165 -0.17 0.59 20.42
C GLY A 165 -1.06 -0.03 19.36
N TYR A 166 -1.04 0.61 18.19
CA TYR A 166 -1.82 0.19 17.03
C TYR A 166 -1.04 0.47 15.75
N VAL A 167 -1.04 -0.51 14.85
CA VAL A 167 -0.41 -0.39 13.54
C VAL A 167 -1.49 -0.63 12.50
N GLY A 168 -1.74 0.38 11.68
CA GLY A 168 -2.71 0.27 10.61
C GLY A 168 -2.00 0.25 9.25
N GLY A 169 -2.75 -0.16 8.23
CA GLY A 169 -2.19 -0.21 6.88
C GLY A 169 -3.31 -0.09 5.88
N ASP A 170 -3.08 0.66 4.82
CA ASP A 170 -4.09 0.88 3.81
C ASP A 170 -3.44 0.95 2.44
N LEU A 171 -4.09 0.33 1.46
CA LEU A 171 -3.68 0.41 0.06
C LEU A 171 -4.92 0.66 -0.76
N VAL A 172 -5.03 1.83 -1.39
CA VAL A 172 -6.12 2.11 -2.33
C VAL A 172 -5.47 2.19 -3.70
N ARG A 173 -6.04 1.49 -4.67
CA ARG A 173 -5.56 1.53 -6.05
C ARG A 173 -6.56 2.32 -6.86
N GLU A 174 -6.17 3.51 -7.29
CA GLU A 174 -7.01 4.32 -8.16
C GLU A 174 -6.44 4.24 -9.56
N GLU A 175 -7.26 4.63 -10.54
CA GLU A 175 -6.80 4.70 -11.92
C GLU A 175 -5.98 5.98 -12.06
N GLY A 176 -4.70 5.82 -12.33
CA GLY A 176 -3.74 6.89 -12.43
C GLY A 176 -2.89 7.13 -11.19
N ARG A 177 -3.23 6.51 -10.06
CA ARG A 177 -2.37 6.58 -8.89
C ARG A 177 -2.73 5.44 -7.94
N THR A 178 -1.73 4.98 -7.19
CA THR A 178 -1.93 4.08 -6.06
C THR A 178 -1.40 4.73 -4.80
N VAL A 179 -2.13 4.58 -3.70
CA VAL A 179 -1.83 5.22 -2.44
C VAL A 179 -1.71 4.15 -1.36
N ALA A 180 -0.53 4.05 -0.76
CA ALA A 180 -0.27 3.16 0.36
C ALA A 180 -0.04 3.98 1.62
N ARG A 181 -0.49 3.44 2.76
CA ARG A 181 -0.30 4.11 4.03
C ARG A 181 -0.04 3.08 5.11
N VAL A 182 0.97 3.34 5.93
CA VAL A 182 1.23 2.58 7.15
C VAL A 182 1.18 3.57 8.30
N SER A 183 0.39 3.27 9.32
CA SER A 183 0.24 4.17 10.45
C SER A 183 0.62 3.45 11.73
N ARG A 184 0.96 4.23 12.74
CA ARG A 184 1.28 3.69 14.06
C ARG A 184 0.92 4.73 15.10
N SER A 185 0.09 4.33 16.05
CA SER A 185 -0.36 5.19 17.14
C SER A 185 -0.05 4.52 18.46
N THR A 186 0.49 5.28 19.40
CA THR A 186 0.76 4.80 20.74
C THR A 186 0.06 5.73 21.72
N ARG A 187 -0.31 5.17 22.88
CA ARG A 187 -1.09 5.88 23.87
C ARG A 187 -0.30 5.99 25.16
N GLN A 188 -0.37 7.16 25.80
CA GLN A 188 0.21 7.34 27.12
C GLN A 188 -0.52 8.49 27.80
N GLY A 189 -1.29 8.20 28.84
CA GLY A 189 -2.12 9.23 29.44
C GLY A 189 -3.31 9.51 28.57
N ARG A 190 -3.57 10.79 28.34
CA ARG A 190 -4.60 11.24 27.40
C ARG A 190 -4.06 11.50 26.00
N VAL A 191 -2.76 11.29 25.78
CA VAL A 191 -2.11 11.68 24.53
C VAL A 191 -1.93 10.45 23.65
N THR A 192 -2.24 10.60 22.36
CA THR A 192 -2.01 9.57 21.36
C THR A 192 -1.03 10.15 20.33
N ARG A 193 0.04 9.41 20.03
CA ARG A 193 1.06 9.87 19.10
C ARG A 193 0.80 9.18 17.76
N MET A 194 0.31 9.94 16.79
CA MET A 194 -0.06 9.44 15.48
C MET A 194 1.10 9.64 14.51
N GLU A 195 1.67 8.54 14.03
CA GLU A 195 2.70 8.56 12.99
C GLU A 195 2.13 7.93 11.73
N GLU A 196 2.05 8.70 10.65
CA GLU A 196 1.58 8.21 9.36
C GLU A 196 2.70 8.31 8.33
N ARG A 197 2.80 7.30 7.48
CA ARG A 197 3.79 7.30 6.41
C ARG A 197 3.13 6.80 5.13
N TRP A 198 3.15 7.64 4.10
CA TRP A 198 2.42 7.42 2.87
C TRP A 198 3.37 7.11 1.72
N LEU A 199 2.87 6.33 0.76
CA LEU A 199 3.52 6.15 -0.53
C LEU A 199 2.49 6.41 -1.63
N VAL A 200 2.79 7.35 -2.51
CA VAL A 200 1.95 7.65 -3.67
C VAL A 200 2.75 7.40 -4.93
N GLY A 201 2.31 6.45 -5.74
CA GLY A 201 2.89 6.19 -7.04
C GLY A 201 1.88 6.53 -8.12
N ASP A 202 2.34 7.26 -9.12
CA ASP A 202 1.44 7.75 -10.17
C ASP A 202 2.25 7.95 -11.44
N ALA A 203 1.68 8.69 -12.39
CA ALA A 203 2.35 8.94 -13.66
C ALA A 203 3.74 9.54 -13.43
N ALA A 204 3.86 10.47 -12.48
CA ALA A 204 5.09 11.22 -12.31
C ALA A 204 6.18 10.44 -11.59
N GLY A 205 5.83 9.51 -10.72
CA GLY A 205 6.82 8.76 -9.97
C GLY A 205 6.24 8.26 -8.66
N ILE A 206 7.14 7.82 -7.79
CA ILE A 206 6.80 7.36 -6.44
C ILE A 206 7.19 8.46 -5.46
N ARG A 207 6.20 8.97 -4.72
CA ARG A 207 6.46 9.95 -3.66
C ARG A 207 6.20 9.32 -2.29
N GLU A 208 7.05 9.66 -1.33
CA GLU A 208 6.85 9.33 0.08
C GLU A 208 6.80 10.59 0.92
N PHE A 209 5.91 10.62 1.91
CA PHE A 209 5.89 11.70 2.89
C PHE A 209 5.49 11.11 4.25
N SER A 210 5.97 11.74 5.33
CA SER A 210 5.78 11.23 6.68
C SER A 210 5.31 12.36 7.60
N GLN A 211 4.43 11.99 8.55
CA GLN A 211 3.82 12.95 9.47
C GLN A 211 3.79 12.39 10.88
N VAL A 212 3.76 13.28 11.86
CA VAL A 212 3.44 12.92 13.24
C VAL A 212 2.40 13.91 13.77
N GLY A 213 1.43 13.38 14.51
CA GLY A 213 0.39 14.21 15.11
C GLY A 213 0.09 13.76 16.52
N LEU A 214 -0.41 14.69 17.33
CA LEU A 214 -0.80 14.43 18.71
C LEU A 214 -2.29 14.63 18.82
N LEU A 215 -2.99 13.61 19.33
CA LEU A 215 -4.41 13.72 19.65
C LEU A 215 -4.54 13.59 21.16
N THR A 216 -5.13 14.61 21.78
CA THR A 216 -5.27 14.68 23.23
C THR A 216 -6.72 14.53 23.64
N MET A 217 -7.01 13.51 24.45
CA MET A 217 -8.35 13.31 24.98
C MET A 217 -8.68 14.35 26.04
N PHE A 218 -9.97 14.62 26.19
CA PHE A 218 -10.50 15.37 27.33
C PHE A 218 -11.62 14.54 27.95
N THR A 219 -11.88 14.79 29.23
CA THR A 219 -12.83 14.00 29.97
C THR A 219 -14.25 14.57 29.85
N ARG A 220 -15.23 13.69 30.12
CA ARG A 220 -16.61 14.14 30.22
C ARG A 220 -16.74 15.30 31.21
N GLU A 221 -16.06 15.20 32.34
CA GLU A 221 -16.07 16.28 33.32
C GLU A 221 -15.49 17.56 32.74
N GLU A 222 -14.47 17.44 31.87
CA GLU A 222 -13.83 18.62 31.30
C GLU A 222 -14.72 19.26 30.24
N TYR A 223 -15.27 18.46 29.34
CA TYR A 223 -16.23 18.99 28.37
C TYR A 223 -17.40 19.67 29.08
N ASP A 224 -18.05 18.96 30.00
CA ASP A 224 -19.21 19.52 30.68
C ASP A 224 -18.87 20.86 31.33
N ALA A 225 -17.65 20.99 31.87
CA ALA A 225 -17.24 22.25 32.49
C ALA A 225 -16.97 23.31 31.43
N ALA A 226 -16.42 22.92 30.28
CA ALA A 226 -16.13 23.89 29.23
C ALA A 226 -17.41 24.44 28.62
N PHE A 227 -18.41 23.59 28.39
CA PHE A 227 -19.69 24.07 27.89
C PHE A 227 -20.33 25.03 28.88
N ALA A 228 -20.44 24.62 30.15
CA ALA A 228 -21.04 25.47 31.16
C ALA A 228 -20.29 26.80 31.27
N ALA A 229 -18.95 26.73 31.25
CA ALA A 229 -18.15 27.95 31.27
C ALA A 229 -18.51 28.87 30.10
N ALA A 230 -19.01 28.29 28.99
CA ALA A 230 -19.35 29.04 27.80
C ALA A 230 -20.85 29.28 27.66
N GLY A 231 -21.62 29.13 28.73
CA GLY A 231 -23.04 29.45 28.69
C GLY A 231 -23.87 28.46 27.92
N CYS A 232 -23.56 27.17 28.01
CA CYS A 232 -24.25 26.13 27.25
C CYS A 232 -24.69 24.99 28.14
N GLU A 233 -25.91 24.51 27.88
CA GLU A 233 -26.43 23.29 28.49
C GLU A 233 -26.12 22.12 27.57
N SER A 234 -25.39 21.13 28.09
CA SER A 234 -24.82 20.07 27.28
C SER A 234 -25.58 18.77 27.44
N ALA A 235 -25.41 17.90 26.45
CA ALA A 235 -25.93 16.54 26.48
C ALA A 235 -25.02 15.68 25.62
N TYR A 236 -25.03 14.37 25.88
CA TYR A 236 -24.12 13.44 25.21
C TYR A 236 -24.91 12.31 24.57
N VAL A 237 -24.63 12.06 23.30
CA VAL A 237 -25.25 10.99 22.54
C VAL A 237 -24.29 9.80 22.44
N GLU A 238 -24.68 8.68 23.04
CA GLU A 238 -23.88 7.47 23.00
C GLU A 238 -23.69 6.95 21.58
N GLY A 239 -22.52 6.39 21.33
CA GLY A 239 -22.29 5.62 20.12
C GLY A 239 -22.19 6.45 18.87
N TRP A 240 -23.36 6.72 18.27
CA TRP A 240 -23.42 7.47 17.02
C TRP A 240 -22.83 6.61 15.92
N LEU A 241 -22.68 7.16 14.72
CA LEU A 241 -22.28 6.34 13.58
C LEU A 241 -20.78 6.04 13.57
N THR A 242 -20.00 6.77 14.36
CA THR A 242 -18.55 6.58 14.40
C THR A 242 -18.11 5.64 15.50
N GLY A 243 -18.87 5.58 16.60
CA GLY A 243 -18.48 4.87 17.80
C GLY A 243 -18.11 5.78 18.95
N ARG A 244 -17.73 7.02 18.67
CA ARG A 244 -17.28 7.98 19.67
C ARG A 244 -18.39 8.83 20.25
N GLY A 245 -19.64 8.60 19.88
CA GLY A 245 -20.70 9.42 20.42
C GLY A 245 -20.61 10.84 19.90
N LEU A 246 -21.38 11.71 20.55
CA LEU A 246 -21.55 13.08 20.06
C LEU A 246 -22.10 13.95 21.19
N PHE A 247 -21.43 15.06 21.47
CA PHE A 247 -21.97 16.06 22.37
C PHE A 247 -22.86 17.01 21.58
N VAL A 248 -24.04 17.31 22.14
CA VAL A 248 -24.97 18.27 21.56
C VAL A 248 -25.37 19.22 22.67
N ALA A 249 -24.97 20.49 22.55
CA ALA A 249 -25.23 21.50 23.55
C ALA A 249 -26.00 22.66 22.92
N THR A 250 -26.66 23.44 23.76
CA THR A 250 -27.44 24.59 23.31
C THR A 250 -27.08 25.83 24.10
N ARG A 251 -27.09 26.96 23.40
CA ARG A 251 -26.62 28.25 23.92
C ARG A 251 -27.76 29.00 24.59
N THR A 252 -27.78 28.97 25.92
CA THR A 252 -28.76 29.74 26.68
C THR A 252 -28.34 31.21 26.72
N HIS B 8 -12.18 -25.86 14.83
CA HIS B 8 -11.30 -24.80 15.29
C HIS B 8 -9.84 -25.19 15.17
N HIS B 9 -9.09 -24.45 14.35
CA HIS B 9 -7.65 -24.65 14.27
C HIS B 9 -6.99 -23.40 13.70
N GLU B 10 -5.69 -23.28 13.94
CA GLU B 10 -4.91 -22.12 13.54
C GLU B 10 -3.58 -22.59 12.95
N ASN B 11 -3.08 -21.84 11.98
CA ASN B 11 -1.77 -22.08 11.39
C ASN B 11 -0.84 -20.90 11.67
N LEU B 12 0.45 -21.15 11.49
CA LEU B 12 1.48 -20.16 11.79
C LEU B 12 2.84 -20.64 11.30
N TYR B 13 3.57 -19.79 10.60
CA TYR B 13 4.89 -20.09 10.10
C TYR B 13 5.86 -19.03 10.61
N PHE B 14 7.15 -19.38 10.70
CA PHE B 14 8.09 -18.45 11.32
C PHE B 14 9.52 -18.74 10.87
N GLN B 15 10.39 -17.79 11.17
CA GLN B 15 11.81 -17.84 10.84
C GLN B 15 12.02 -18.01 9.33
N VAL B 25 16.14 -13.19 0.76
CA VAL B 25 14.96 -12.70 1.46
C VAL B 25 13.87 -12.36 0.43
N TYR B 26 14.24 -12.37 -0.85
CA TYR B 26 13.29 -12.01 -1.90
C TYR B 26 12.18 -13.04 -2.03
N GLU B 27 12.48 -14.30 -1.71
CA GLU B 27 11.52 -15.38 -1.91
C GLU B 27 10.36 -15.27 -0.92
N ALA B 28 10.66 -15.01 0.35
CA ALA B 28 9.60 -14.76 1.32
C ALA B 28 8.65 -13.68 0.81
N ALA B 29 9.21 -12.64 0.19
CA ALA B 29 8.40 -11.51 -0.25
C ALA B 29 7.43 -11.92 -1.36
N TYR B 30 7.95 -12.56 -2.41
CA TYR B 30 7.06 -12.95 -3.51
C TYR B 30 6.09 -14.03 -3.08
N ARG B 31 6.46 -14.87 -2.12
CA ARG B 31 5.51 -15.82 -1.56
C ARG B 31 4.37 -15.08 -0.84
N GLY B 32 4.72 -14.03 -0.09
CA GLY B 32 3.69 -13.24 0.56
C GLY B 32 2.79 -12.51 -0.41
N ARG B 33 3.32 -12.16 -1.59
CA ARG B 33 2.52 -11.50 -2.62
C ARG B 33 1.73 -12.48 -3.46
N GLY B 34 1.97 -13.78 -3.34
CA GLY B 34 1.11 -14.78 -3.95
C GLY B 34 1.77 -15.71 -4.95
N LYS B 35 3.10 -15.72 -5.01
CA LYS B 35 3.81 -16.59 -5.95
C LYS B 35 3.92 -18.01 -5.38
N SER B 36 3.73 -19.00 -6.24
CA SER B 36 3.86 -20.41 -5.86
C SER B 36 4.92 -21.06 -6.75
N TRP B 37 6.14 -21.18 -6.22
CA TRP B 37 7.18 -21.93 -6.93
C TRP B 37 6.76 -23.37 -7.17
N HIS B 38 5.97 -23.95 -6.25
CA HIS B 38 5.59 -25.36 -6.39
C HIS B 38 4.68 -25.58 -7.59
N ASP B 39 3.63 -24.75 -7.72
CA ASP B 39 2.72 -24.91 -8.85
C ASP B 39 3.44 -24.65 -10.17
N GLU B 40 4.35 -23.68 -10.19
CA GLU B 40 5.11 -23.42 -11.40
C GLU B 40 5.97 -24.61 -11.78
N ALA B 41 6.76 -25.12 -10.83
CA ALA B 41 7.63 -26.26 -11.11
C ALA B 41 6.83 -27.47 -11.56
N ALA B 42 5.69 -27.74 -10.91
CA ALA B 42 4.86 -28.87 -11.30
C ALA B 42 4.39 -28.73 -12.74
N ASP B 43 3.86 -27.56 -13.09
CA ASP B 43 3.43 -27.32 -14.46
C ASP B 43 4.60 -27.47 -15.44
N VAL B 44 5.76 -26.91 -15.10
CA VAL B 44 6.94 -27.06 -15.96
C VAL B 44 7.29 -28.53 -16.14
N ALA B 45 7.26 -29.31 -15.04
CA ALA B 45 7.58 -30.72 -15.14
C ALA B 45 6.57 -31.46 -16.02
N ASP B 46 5.29 -31.13 -15.88
CA ASP B 46 4.28 -31.74 -16.74
C ASP B 46 4.59 -31.49 -18.21
N ARG B 47 5.03 -30.27 -18.54
CA ARG B 47 5.29 -29.93 -19.94
C ARG B 47 6.56 -30.60 -20.44
N ILE B 48 7.60 -30.66 -19.60
CA ILE B 48 8.80 -31.38 -19.97
C ILE B 48 8.45 -32.84 -20.27
N ARG B 49 7.65 -33.45 -19.41
CA ARG B 49 7.25 -34.84 -19.60
C ARG B 49 6.36 -35.03 -20.81
N ALA B 50 5.54 -34.04 -21.13
CA ALA B 50 4.74 -34.12 -22.36
C ALA B 50 5.64 -34.37 -23.57
N ALA B 51 6.67 -33.55 -23.72
CA ALA B 51 7.60 -33.70 -24.84
C ALA B 51 8.60 -34.83 -24.62
N ARG B 52 8.87 -35.20 -23.38
CA ARG B 52 9.91 -36.17 -23.06
C ARG B 52 9.47 -37.03 -21.88
N PRO B 53 8.61 -38.02 -22.12
CA PRO B 53 8.10 -38.84 -21.02
C PRO B 53 9.16 -39.48 -20.13
N ASP B 54 10.35 -39.75 -20.65
CA ASP B 54 11.39 -40.44 -19.90
C ASP B 54 12.37 -39.49 -19.22
N ALA B 55 12.11 -38.18 -19.25
CA ALA B 55 13.03 -37.22 -18.66
C ALA B 55 13.39 -37.63 -17.23
N ALA B 56 14.68 -37.62 -16.92
CA ALA B 56 15.15 -38.02 -15.60
C ALA B 56 16.16 -37.04 -15.03
N ARG B 57 16.97 -36.42 -15.89
CA ARG B 57 18.01 -35.49 -15.47
C ARG B 57 17.59 -34.07 -15.81
N LEU B 58 17.56 -33.20 -14.81
CA LEU B 58 17.18 -31.80 -14.98
C LEU B 58 18.22 -30.88 -14.37
N LEU B 59 18.45 -29.75 -15.01
CA LEU B 59 19.37 -28.72 -14.53
C LEU B 59 18.61 -27.40 -14.52
N ASP B 60 18.54 -26.76 -13.36
CA ASP B 60 17.93 -25.45 -13.22
C ASP B 60 19.06 -24.41 -13.20
N VAL B 61 19.01 -23.47 -14.13
CA VAL B 61 20.08 -22.49 -14.33
C VAL B 61 19.63 -21.17 -13.73
N GLY B 62 20.49 -20.56 -12.92
CA GLY B 62 20.11 -19.41 -12.14
C GLY B 62 19.06 -19.78 -11.12
N CYS B 63 19.30 -20.86 -10.38
CA CYS B 63 18.31 -21.40 -9.47
C CYS B 63 18.02 -20.49 -8.29
N GLY B 64 18.95 -19.61 -7.93
CA GLY B 64 18.70 -18.72 -6.81
C GLY B 64 18.52 -19.52 -5.53
N THR B 65 17.38 -19.31 -4.87
CA THR B 65 17.08 -20.03 -3.62
C THR B 65 16.73 -21.50 -3.83
N GLY B 66 16.63 -21.96 -5.08
CA GLY B 66 16.30 -23.35 -5.34
C GLY B 66 14.88 -23.75 -5.03
N ALA B 67 13.97 -22.79 -4.86
CA ALA B 67 12.58 -23.13 -4.53
C ALA B 67 11.95 -24.01 -5.61
N HIS B 68 12.15 -23.67 -6.89
CA HIS B 68 11.66 -24.52 -7.95
C HIS B 68 12.23 -25.92 -7.83
N LEU B 69 13.55 -26.01 -7.66
CA LEU B 69 14.22 -27.31 -7.58
C LEU B 69 13.67 -28.15 -6.44
N GLU B 70 13.23 -27.52 -5.36
CA GLU B 70 12.63 -28.28 -4.26
C GLU B 70 11.48 -29.14 -4.78
N THR B 71 10.67 -28.60 -5.68
CA THR B 71 9.58 -29.37 -6.26
C THR B 71 10.05 -30.25 -7.43
N PHE B 72 11.04 -29.80 -8.20
CA PHE B 72 11.53 -30.63 -9.30
C PHE B 72 12.09 -31.94 -8.78
N ALA B 73 12.74 -31.91 -7.60
CA ALA B 73 13.36 -33.11 -7.06
C ALA B 73 12.33 -34.19 -6.78
N THR B 74 11.11 -33.80 -6.41
CA THR B 74 10.03 -34.76 -6.22
C THR B 74 9.57 -35.37 -7.52
N ARG B 75 10.01 -34.85 -8.67
CA ARG B 75 9.52 -35.27 -9.97
C ARG B 75 10.57 -35.91 -10.86
N PHE B 76 11.85 -35.63 -10.64
CA PHE B 76 12.90 -36.19 -11.47
C PHE B 76 13.90 -36.87 -10.54
N PRO B 77 14.35 -38.09 -10.87
CA PRO B 77 15.34 -38.74 -10.01
C PRO B 77 16.54 -37.84 -9.74
N HIS B 78 17.17 -37.32 -10.79
CA HIS B 78 18.37 -36.51 -10.66
C HIS B 78 18.07 -35.08 -11.09
N VAL B 79 18.48 -34.11 -10.26
CA VAL B 79 18.29 -32.70 -10.54
C VAL B 79 19.53 -31.97 -10.04
N GLU B 80 19.89 -30.88 -10.73
CA GLU B 80 21.05 -30.09 -10.36
C GLU B 80 20.74 -28.61 -10.53
N GLY B 81 21.66 -27.78 -10.04
CA GLY B 81 21.51 -26.35 -10.09
C GLY B 81 22.81 -25.68 -10.51
N LEU B 82 22.66 -24.47 -11.03
CA LEU B 82 23.79 -23.66 -11.46
C LEU B 82 23.55 -22.24 -10.99
N GLU B 83 24.54 -21.64 -10.35
CA GLU B 83 24.33 -20.41 -9.62
C GLU B 83 25.62 -19.62 -9.55
N LEU B 84 25.52 -18.31 -9.79
CA LEU B 84 26.71 -17.47 -9.78
C LEU B 84 26.94 -16.82 -8.42
N ALA B 85 25.88 -16.34 -7.79
CA ALA B 85 26.00 -15.70 -6.50
C ALA B 85 26.18 -16.75 -5.41
N PRO B 86 27.31 -16.76 -4.69
CA PRO B 86 27.51 -17.80 -3.67
C PRO B 86 26.62 -17.64 -2.45
N ALA B 87 26.10 -16.44 -2.18
CA ALA B 87 25.16 -16.28 -1.07
C ALA B 87 23.89 -17.07 -1.33
N MET B 88 23.40 -17.05 -2.58
CA MET B 88 22.24 -17.85 -2.95
C MET B 88 22.60 -19.33 -3.08
N LEU B 89 23.80 -19.62 -3.58
CA LEU B 89 24.23 -21.01 -3.65
C LEU B 89 24.26 -21.63 -2.26
N ALA B 90 24.46 -20.81 -1.23
CA ALA B 90 24.39 -21.30 0.14
C ALA B 90 22.97 -21.70 0.51
N LEU B 91 22.02 -20.76 0.38
CA LEU B 91 20.65 -21.02 0.78
C LEU B 91 20.06 -22.21 0.02
N ALA B 92 20.36 -22.32 -1.26
CA ALA B 92 19.84 -23.43 -2.05
C ALA B 92 20.30 -24.77 -1.50
N ARG B 93 21.60 -24.91 -1.23
CA ARG B 93 22.11 -26.15 -0.68
C ARG B 93 21.43 -26.48 0.64
N HIS B 94 21.28 -25.48 1.52
CA HIS B 94 20.61 -25.69 2.79
C HIS B 94 19.23 -26.31 2.60
N ARG B 95 18.39 -25.67 1.78
CA ARG B 95 17.04 -26.17 1.56
C ARG B 95 17.01 -27.44 0.72
N LEU B 96 18.10 -27.78 0.03
CA LEU B 96 18.14 -28.89 -0.93
C LEU B 96 19.16 -29.92 -0.44
N PRO B 97 18.78 -30.76 0.52
CA PRO B 97 19.74 -31.73 1.07
C PRO B 97 20.49 -32.53 0.01
N GLY B 98 19.77 -33.28 -0.83
CA GLY B 98 20.42 -34.21 -1.74
C GLY B 98 20.70 -33.70 -3.14
N VAL B 99 20.98 -32.40 -3.30
CA VAL B 99 21.04 -31.80 -4.62
C VAL B 99 22.45 -31.26 -4.90
N ARG B 100 23.05 -31.78 -5.96
CA ARG B 100 24.33 -31.30 -6.48
C ARG B 100 24.15 -29.89 -7.07
N LEU B 101 24.82 -28.90 -6.49
CA LEU B 101 24.78 -27.54 -6.99
C LEU B 101 26.17 -27.10 -7.45
N HIS B 102 26.21 -26.33 -8.54
CA HIS B 102 27.45 -25.86 -9.14
C HIS B 102 27.47 -24.34 -9.13
N ALA B 103 28.59 -23.75 -8.74
CA ALA B 103 28.80 -22.32 -8.92
C ALA B 103 29.32 -22.06 -10.32
N GLY B 104 28.70 -21.14 -11.04
CA GLY B 104 29.08 -20.91 -12.41
C GLY B 104 28.37 -19.71 -13.00
N ASP B 105 28.79 -19.35 -14.21
CA ASP B 105 28.13 -18.34 -15.01
C ASP B 105 27.35 -19.06 -16.10
N MET B 106 26.05 -18.75 -16.22
CA MET B 106 25.22 -19.39 -17.23
C MET B 106 25.82 -19.22 -18.62
N ARG B 107 26.54 -18.12 -18.85
CA ARG B 107 27.13 -17.84 -20.14
C ARG B 107 28.31 -18.74 -20.47
N THR B 108 28.85 -19.48 -19.49
CA THR B 108 30.19 -20.04 -19.64
C THR B 108 30.34 -21.48 -19.17
N PHE B 109 29.39 -22.04 -18.44
CA PHE B 109 29.64 -23.28 -17.73
C PHE B 109 29.83 -24.45 -18.68
N ASP B 110 30.53 -25.47 -18.18
CA ASP B 110 30.71 -26.74 -18.88
C ASP B 110 30.83 -27.83 -17.82
N LEU B 111 29.89 -28.78 -17.83
CA LEU B 111 29.85 -29.87 -16.85
C LEU B 111 30.02 -31.24 -17.48
N GLY B 112 30.29 -31.31 -18.79
CA GLY B 112 30.60 -32.56 -19.44
C GLY B 112 29.47 -33.55 -19.58
N VAL B 113 28.26 -33.20 -19.15
CA VAL B 113 27.13 -34.14 -19.15
C VAL B 113 25.92 -33.45 -19.75
N THR B 114 25.03 -34.28 -20.31
CA THR B 114 23.77 -33.82 -20.87
C THR B 114 22.65 -33.94 -19.83
N PHE B 115 21.56 -33.25 -20.09
CA PHE B 115 20.35 -33.37 -19.30
C PHE B 115 19.16 -33.57 -20.22
N ASP B 116 18.10 -34.17 -19.66
CA ASP B 116 16.84 -34.28 -20.37
C ASP B 116 16.10 -32.95 -20.42
N ALA B 117 16.42 -32.03 -19.52
CA ALA B 117 15.76 -30.74 -19.49
C ALA B 117 16.66 -29.72 -18.78
N VAL B 118 16.63 -28.49 -19.28
CA VAL B 118 17.33 -27.36 -18.65
C VAL B 118 16.32 -26.23 -18.53
N THR B 119 16.14 -25.72 -17.31
CA THR B 119 15.17 -24.68 -17.05
C THR B 119 15.88 -23.39 -16.63
N CYS B 120 15.25 -22.26 -16.94
CA CYS B 120 15.79 -20.94 -16.65
C CYS B 120 14.59 -20.03 -16.40
N LEU B 121 14.21 -19.91 -15.14
CA LEU B 121 12.90 -19.37 -14.77
C LEU B 121 13.02 -18.12 -13.92
N PHE B 122 11.90 -17.40 -13.84
CA PHE B 122 11.78 -16.16 -13.07
C PHE B 122 12.75 -15.10 -13.59
N THR B 123 12.80 -14.95 -14.92
CA THR B 123 13.52 -13.87 -15.59
C THR B 123 15.01 -13.91 -15.28
N ALA B 124 15.57 -15.09 -15.03
CA ALA B 124 16.97 -15.18 -14.68
C ALA B 124 17.87 -14.76 -15.84
N VAL B 125 17.50 -15.13 -17.07
CA VAL B 125 18.34 -14.80 -18.22
C VAL B 125 18.41 -13.30 -18.44
N ASN B 126 17.41 -12.55 -17.96
CA ASN B 126 17.38 -11.11 -18.13
C ASN B 126 18.25 -10.37 -17.12
N PHE B 127 19.04 -11.10 -16.34
CA PHE B 127 20.11 -10.52 -15.55
C PHE B 127 21.39 -10.36 -16.35
N LEU B 128 21.40 -10.83 -17.59
CA LEU B 128 22.48 -10.54 -18.53
C LEU B 128 22.22 -9.18 -19.19
N GLY B 129 23.30 -8.55 -19.64
CA GLY B 129 23.22 -7.16 -20.05
C GLY B 129 23.05 -6.93 -21.54
N THR B 130 23.49 -7.88 -22.36
CA THR B 130 23.51 -7.70 -23.81
C THR B 130 22.92 -8.93 -24.49
N VAL B 131 22.46 -8.71 -25.73
CA VAL B 131 21.96 -9.83 -26.53
C VAL B 131 23.06 -10.83 -26.81
N ALA B 132 24.30 -10.36 -26.96
CA ALA B 132 25.41 -11.28 -27.16
C ALA B 132 25.60 -12.18 -25.95
N GLU B 133 25.33 -11.66 -24.75
CA GLU B 133 25.46 -12.45 -23.54
C GLU B 133 24.32 -13.45 -23.41
N MET B 134 23.09 -13.01 -23.65
CA MET B 134 21.95 -13.94 -23.54
C MET B 134 22.08 -15.08 -24.53
N ARG B 135 22.55 -14.79 -25.74
CA ARG B 135 22.69 -15.85 -26.75
C ARG B 135 23.79 -16.84 -26.35
N ALA B 136 24.84 -16.36 -25.69
CA ALA B 136 25.85 -17.27 -25.17
C ALA B 136 25.27 -18.15 -24.07
N ALA B 137 24.44 -17.56 -23.21
CA ALA B 137 23.75 -18.34 -22.18
C ALA B 137 22.88 -19.42 -22.81
N VAL B 138 21.99 -19.01 -23.73
CA VAL B 138 21.06 -19.96 -24.35
C VAL B 138 21.83 -21.06 -25.07
N ALA B 139 22.99 -20.74 -25.63
CA ALA B 139 23.78 -21.76 -26.31
C ALA B 139 24.43 -22.71 -25.31
N ALA B 140 24.87 -22.18 -24.16
CA ALA B 140 25.42 -23.04 -23.12
C ALA B 140 24.39 -24.04 -22.63
N MET B 141 23.20 -23.54 -22.26
CA MET B 141 22.13 -24.44 -21.83
C MET B 141 21.85 -25.50 -22.87
N SER B 142 21.74 -25.09 -24.14
CA SER B 142 21.47 -26.04 -25.22
C SER B 142 22.59 -27.07 -25.35
N ALA B 143 23.83 -26.67 -25.08
CA ALA B 143 24.94 -27.61 -25.16
C ALA B 143 24.80 -28.73 -24.14
N HIS B 144 24.18 -28.44 -22.99
CA HIS B 144 23.98 -29.43 -21.95
C HIS B 144 22.70 -30.23 -22.14
N LEU B 145 22.03 -30.08 -23.27
CA LEU B 145 20.83 -30.84 -23.57
C LEU B 145 21.19 -32.03 -24.44
N ALA B 146 20.66 -33.20 -24.09
CA ALA B 146 20.73 -34.34 -24.98
C ALA B 146 19.79 -34.12 -26.16
N PRO B 147 19.93 -34.89 -27.23
CA PRO B 147 19.01 -34.73 -28.37
C PRO B 147 17.57 -34.90 -27.93
N GLY B 148 16.72 -34.00 -28.41
CA GLY B 148 15.35 -33.94 -27.96
C GLY B 148 15.17 -33.32 -26.59
N GLY B 149 16.26 -32.96 -25.91
CA GLY B 149 16.13 -32.34 -24.60
C GLY B 149 15.30 -31.08 -24.66
N VAL B 150 14.70 -30.73 -23.52
CA VAL B 150 13.76 -29.63 -23.44
C VAL B 150 14.42 -28.47 -22.70
N LEU B 151 14.39 -27.30 -23.33
CA LEU B 151 14.82 -26.06 -22.70
C LEU B 151 13.58 -25.26 -22.37
N VAL B 152 13.51 -24.78 -21.13
CA VAL B 152 12.36 -24.01 -20.67
C VAL B 152 12.89 -22.71 -20.09
N LEU B 153 12.31 -21.59 -20.52
CA LEU B 153 12.85 -20.28 -20.22
C LEU B 153 11.69 -19.32 -19.98
N GLU B 154 11.63 -18.73 -18.79
CA GLU B 154 10.62 -17.73 -18.49
C GLU B 154 11.22 -16.36 -18.79
N PRO B 155 10.77 -15.65 -19.82
CA PRO B 155 11.38 -14.38 -20.18
C PRO B 155 10.81 -13.21 -19.41
N TRP B 156 11.59 -12.15 -19.35
CA TRP B 156 11.11 -10.86 -18.88
C TRP B 156 10.35 -10.22 -20.03
N TRP B 157 9.23 -9.57 -19.70
CA TRP B 157 8.39 -8.88 -20.68
C TRP B 157 9.07 -8.52 -22.00
N PHE B 158 8.28 -8.54 -23.07
CA PHE B 158 8.71 -8.13 -24.39
C PHE B 158 8.54 -6.61 -24.52
N PRO B 159 9.52 -5.90 -25.09
CA PRO B 159 9.36 -4.45 -25.30
C PRO B 159 7.96 -4.04 -25.76
N GLU B 160 7.35 -4.75 -26.72
CA GLU B 160 5.99 -4.40 -27.12
C GLU B 160 5.00 -4.54 -25.96
N ARG B 161 5.21 -5.51 -25.08
CA ARG B 161 4.26 -5.80 -24.01
C ARG B 161 4.49 -4.96 -22.76
N PHE B 162 5.67 -4.38 -22.62
CA PHE B 162 6.08 -3.68 -21.40
C PHE B 162 5.37 -2.35 -21.26
N ILE B 163 4.44 -2.26 -20.31
CA ILE B 163 3.82 -0.97 -20.02
C ILE B 163 4.90 -0.11 -19.38
N ASP B 164 4.88 1.17 -19.68
CA ASP B 164 5.92 2.08 -19.19
C ASP B 164 5.30 3.02 -18.18
N GLY B 165 6.04 3.26 -17.10
CA GLY B 165 5.47 3.97 -15.98
C GLY B 165 4.45 3.14 -15.24
N TYR B 166 4.51 1.82 -15.35
CA TYR B 166 3.53 0.97 -14.68
C TYR B 166 3.75 1.08 -13.18
N VAL B 167 2.67 1.22 -12.43
CA VAL B 167 2.72 1.39 -10.99
C VAL B 167 1.97 0.24 -10.33
N GLY B 168 2.68 -0.54 -9.51
CA GLY B 168 2.07 -1.63 -8.76
C GLY B 168 2.02 -1.38 -7.27
N GLY B 169 1.16 -2.13 -6.57
CA GLY B 169 1.04 -2.00 -5.13
C GLY B 169 0.35 -3.18 -4.46
N ASP B 170 0.82 -3.56 -3.28
CA ASP B 170 0.22 -4.67 -2.52
C ASP B 170 0.36 -4.38 -1.03
N LEU B 171 -0.59 -4.93 -0.26
CA LEU B 171 -0.59 -4.82 1.20
C LEU B 171 -0.61 -6.22 1.78
N VAL B 172 0.48 -6.57 2.46
CA VAL B 172 0.69 -7.88 3.07
C VAL B 172 0.62 -7.76 4.58
N ARG B 173 -0.09 -8.70 5.20
CA ARG B 173 -0.23 -8.80 6.66
C ARG B 173 0.54 -10.01 7.16
N GLU B 174 1.63 -9.75 7.88
CA GLU B 174 2.52 -10.75 8.46
C GLU B 174 2.35 -10.80 9.97
N GLU B 175 3.05 -11.74 10.61
CA GLU B 175 2.99 -11.89 12.06
C GLU B 175 3.69 -10.72 12.73
N GLY B 176 2.92 -9.82 13.34
CA GLY B 176 3.54 -8.71 14.03
C GLY B 176 3.80 -7.50 13.16
N ARG B 177 3.48 -7.58 11.87
CA ARG B 177 3.86 -6.54 10.92
C ARG B 177 2.78 -6.35 9.88
N THR B 178 2.69 -5.11 9.39
CA THR B 178 1.98 -4.78 8.17
C THR B 178 3.00 -4.19 7.21
N VAL B 179 2.94 -4.61 5.95
CA VAL B 179 3.92 -4.21 4.94
C VAL B 179 3.17 -3.61 3.76
N ALA B 180 3.52 -2.38 3.42
CA ALA B 180 3.00 -1.71 2.23
C ALA B 180 4.10 -1.66 1.20
N ARG B 181 3.73 -1.80 -0.08
CA ARG B 181 4.69 -1.78 -1.16
C ARG B 181 4.07 -1.07 -2.36
N VAL B 182 4.79 -0.09 -2.89
CA VAL B 182 4.43 0.57 -4.14
C VAL B 182 5.64 0.48 -5.07
N SER B 183 5.39 0.07 -6.31
CA SER B 183 6.44 -0.10 -7.30
C SER B 183 6.17 0.77 -8.51
N ARG B 184 7.23 1.01 -9.28
CA ARG B 184 7.14 1.77 -10.52
C ARG B 184 8.18 1.21 -11.47
N SER B 185 7.78 0.95 -12.71
CA SER B 185 8.69 0.40 -13.70
C SER B 185 8.81 1.38 -14.86
N THR B 186 10.05 1.74 -15.18
CA THR B 186 10.36 2.60 -16.31
C THR B 186 11.48 1.97 -17.14
N ARG B 187 11.52 2.35 -18.41
CA ARG B 187 12.48 1.83 -19.36
C ARG B 187 13.35 2.97 -19.90
N GLN B 188 14.59 2.64 -20.22
CA GLN B 188 15.50 3.54 -20.93
C GLN B 188 16.33 2.65 -21.84
N GLY B 189 16.03 2.71 -23.13
CA GLY B 189 16.62 1.76 -24.06
C GLY B 189 15.92 0.43 -23.89
N ARG B 190 16.71 -0.63 -23.78
CA ARG B 190 16.19 -1.96 -23.50
C ARG B 190 16.20 -2.28 -22.01
N VAL B 191 16.68 -1.37 -21.19
CA VAL B 191 16.89 -1.63 -19.78
C VAL B 191 15.66 -1.16 -19.03
N THR B 192 15.23 -1.97 -18.08
CA THR B 192 13.98 -1.75 -17.36
C THR B 192 14.29 -1.44 -15.91
N ARG B 193 13.75 -0.32 -15.42
CA ARG B 193 14.02 0.15 -14.08
C ARG B 193 12.79 -0.06 -13.20
N MET B 194 12.85 -1.04 -12.31
CA MET B 194 11.78 -1.29 -11.35
C MET B 194 12.18 -0.62 -10.03
N GLU B 195 11.37 0.33 -9.58
CA GLU B 195 11.61 1.01 -8.32
C GLU B 195 10.58 0.49 -7.31
N GLU B 196 11.08 -0.12 -6.24
CA GLU B 196 10.24 -0.68 -5.18
C GLU B 196 10.48 0.10 -3.90
N ARG B 197 9.40 0.39 -3.18
CA ARG B 197 9.48 1.10 -1.92
C ARG B 197 8.51 0.47 -0.94
N TRP B 198 9.03 0.01 0.19
CA TRP B 198 8.25 -0.69 1.21
C TRP B 198 8.07 0.20 2.43
N LEU B 199 6.96 -0.03 3.13
CA LEU B 199 6.74 0.53 4.45
C LEU B 199 6.43 -0.63 5.38
N VAL B 200 7.21 -0.76 6.45
CA VAL B 200 7.04 -1.82 7.43
C VAL B 200 6.67 -1.16 8.76
N GLY B 201 5.47 -1.45 9.24
CA GLY B 201 5.00 -0.97 10.52
C GLY B 201 4.80 -2.12 11.49
N ASP B 202 5.33 -1.97 12.70
CA ASP B 202 5.26 -2.99 13.73
C ASP B 202 5.37 -2.31 15.10
N ALA B 203 5.61 -3.13 16.13
CA ALA B 203 5.71 -2.63 17.50
C ALA B 203 6.79 -1.56 17.63
N ALA B 204 7.96 -1.79 17.05
CA ALA B 204 9.10 -0.92 17.29
C ALA B 204 8.98 0.41 16.55
N GLY B 205 8.26 0.42 15.44
CA GLY B 205 8.09 1.65 14.68
C GLY B 205 7.78 1.33 13.22
N ILE B 206 7.81 2.38 12.41
CA ILE B 206 7.61 2.28 10.97
C ILE B 206 8.95 2.49 10.29
N ARG B 207 9.37 1.48 9.52
CA ARG B 207 10.59 1.53 8.73
C ARG B 207 10.23 1.61 7.25
N GLU B 208 11.02 2.35 6.49
CA GLU B 208 10.87 2.44 5.05
C GLU B 208 12.09 1.81 4.38
N PHE B 209 11.85 1.15 3.25
CA PHE B 209 12.90 0.53 2.48
C PHE B 209 12.65 0.81 1.00
N SER B 210 13.73 0.95 0.25
CA SER B 210 13.65 1.23 -1.17
C SER B 210 14.67 0.36 -1.90
N GLN B 211 14.27 -0.14 -3.07
CA GLN B 211 15.12 -0.96 -3.89
C GLN B 211 14.91 -0.58 -5.33
N VAL B 212 15.96 -0.76 -6.14
CA VAL B 212 15.86 -0.68 -7.59
C VAL B 212 16.53 -1.91 -8.17
N GLY B 213 15.91 -2.49 -9.18
CA GLY B 213 16.49 -3.63 -9.86
C GLY B 213 16.38 -3.42 -11.35
N LEU B 214 17.38 -3.93 -12.06
CA LEU B 214 17.49 -3.74 -13.49
C LEU B 214 17.54 -5.08 -14.21
N LEU B 215 16.60 -5.28 -15.12
CA LEU B 215 16.55 -6.42 -16.03
C LEU B 215 16.62 -5.89 -17.46
N THR B 216 17.35 -6.60 -18.31
CA THR B 216 17.51 -6.18 -19.69
C THR B 216 16.53 -6.98 -20.55
N MET B 217 15.63 -6.26 -21.21
CA MET B 217 14.59 -6.86 -22.05
C MET B 217 15.18 -7.45 -23.31
N PHE B 218 14.52 -8.49 -23.81
CA PHE B 218 14.78 -9.00 -25.15
C PHE B 218 13.45 -9.20 -25.87
N THR B 219 13.52 -9.19 -27.20
CA THR B 219 12.34 -9.34 -28.03
C THR B 219 12.08 -10.83 -28.28
N ARG B 220 10.83 -11.13 -28.61
CA ARG B 220 10.49 -12.50 -28.99
C ARG B 220 11.38 -12.97 -30.13
N GLU B 221 11.62 -12.10 -31.12
CA GLU B 221 12.50 -12.45 -32.22
C GLU B 221 13.93 -12.70 -31.72
N GLU B 222 14.33 -12.03 -30.64
CA GLU B 222 15.68 -12.23 -30.11
C GLU B 222 15.83 -13.59 -29.46
N TYR B 223 14.87 -13.96 -28.60
CA TYR B 223 14.89 -15.31 -28.03
C TYR B 223 14.83 -16.36 -29.14
N ASP B 224 13.81 -16.25 -30.01
CA ASP B 224 13.64 -17.22 -31.09
C ASP B 224 14.91 -17.33 -31.92
N ALA B 225 15.62 -16.22 -32.12
CA ALA B 225 16.87 -16.27 -32.86
C ALA B 225 17.96 -16.96 -32.05
N ALA B 226 17.99 -16.75 -30.74
CA ALA B 226 19.00 -17.38 -29.89
C ALA B 226 18.78 -18.89 -29.81
N PHE B 227 17.52 -19.31 -29.72
CA PHE B 227 17.23 -20.74 -29.73
C PHE B 227 17.72 -21.40 -31.01
N ALA B 228 17.33 -20.83 -32.15
CA ALA B 228 17.74 -21.40 -33.44
C ALA B 228 19.25 -21.45 -33.58
N ALA B 229 19.95 -20.39 -33.19
CA ALA B 229 21.41 -20.39 -33.28
C ALA B 229 22.02 -21.54 -32.50
N ALA B 230 21.34 -22.02 -31.45
CA ALA B 230 21.85 -23.10 -30.62
C ALA B 230 21.19 -24.43 -30.97
N GLY B 231 20.52 -24.51 -32.11
CA GLY B 231 19.97 -25.78 -32.58
C GLY B 231 18.75 -26.25 -31.85
N CYS B 232 17.86 -25.34 -31.47
CA CYS B 232 16.65 -25.67 -30.72
C CYS B 232 15.45 -25.07 -31.43
N GLU B 233 14.38 -25.85 -31.55
CA GLU B 233 13.13 -25.37 -32.12
C GLU B 233 12.26 -24.87 -30.97
N SER B 234 11.86 -23.60 -31.03
CA SER B 234 11.22 -22.95 -29.91
C SER B 234 9.72 -22.78 -30.14
N ALA B 235 9.02 -22.59 -29.03
CA ALA B 235 7.61 -22.23 -29.03
C ALA B 235 7.37 -21.42 -27.75
N TYR B 236 6.32 -20.61 -27.77
CA TYR B 236 6.04 -19.70 -26.67
C TYR B 236 4.62 -19.93 -26.18
N VAL B 237 4.47 -20.10 -24.87
CA VAL B 237 3.17 -20.31 -24.25
C VAL B 237 2.71 -18.97 -23.70
N GLU B 238 1.66 -18.42 -24.28
CA GLU B 238 1.18 -17.12 -23.82
C GLU B 238 0.69 -17.21 -22.38
N GLY B 239 0.91 -16.14 -21.62
CA GLY B 239 0.36 -16.02 -20.30
C GLY B 239 1.06 -16.86 -19.25
N TRP B 240 0.62 -18.11 -19.07
CA TRP B 240 1.19 -18.98 -18.04
C TRP B 240 0.83 -18.44 -16.67
N LEU B 241 1.38 -19.03 -15.60
CA LEU B 241 0.98 -18.68 -14.24
C LEU B 241 1.56 -17.36 -13.77
N THR B 242 2.60 -16.85 -14.43
CA THR B 242 3.19 -15.57 -14.05
C THR B 242 2.65 -14.39 -14.84
N GLY B 243 2.25 -14.62 -16.09
CA GLY B 243 1.87 -13.56 -17.00
C GLY B 243 2.89 -13.33 -18.10
N ARG B 244 4.14 -13.73 -17.89
CA ARG B 244 5.22 -13.50 -18.83
C ARG B 244 5.36 -14.64 -19.83
N GLY B 245 4.46 -15.62 -19.80
CA GLY B 245 4.54 -16.72 -20.71
C GLY B 245 5.73 -17.63 -20.43
N LEU B 246 6.00 -18.50 -21.39
CA LEU B 246 6.99 -19.56 -21.20
C LEU B 246 7.47 -20.03 -22.56
N PHE B 247 8.79 -20.04 -22.76
CA PHE B 247 9.38 -20.67 -23.92
C PHE B 247 9.62 -22.14 -23.61
N VAL B 248 9.24 -23.01 -24.55
CA VAL B 248 9.49 -24.44 -24.45
C VAL B 248 10.13 -24.85 -25.76
N ALA B 249 11.40 -25.22 -25.72
CA ALA B 249 12.15 -25.56 -26.91
C ALA B 249 12.71 -26.98 -26.78
N THR B 250 13.03 -27.57 -27.92
CA THR B 250 13.59 -28.91 -27.99
C THR B 250 14.83 -28.86 -28.87
N ARG B 251 15.85 -29.61 -28.49
CA ARG B 251 17.13 -29.52 -29.18
C ARG B 251 17.11 -30.55 -30.30
N THR B 252 16.84 -30.09 -31.52
CA THR B 252 16.84 -30.96 -32.68
C THR B 252 18.26 -31.26 -33.15
#